data_6LDX
#
_entry.id   6LDX
#
_cell.length_a   82.329
_cell.length_b   82.329
_cell.length_c   120.269
_cell.angle_alpha   90.000
_cell.angle_beta   90.000
_cell.angle_gamma   90.000
#
_symmetry.space_group_name_H-M   'P 41 21 2'
#
loop_
_entity.id
_entity.type
_entity.pdbx_description
1 polymer 'Fab Heavy chain'
2 polymer 'Fab light chain'
3 polymer GLY-M3L-GLY-GLY-THR-TYR-PRO
4 non-polymer 'CHLORIDE ION'
5 water water
#
loop_
_entity_poly.entity_id
_entity_poly.type
_entity_poly.pdbx_seq_one_letter_code
_entity_poly.pdbx_strand_id
1 'polypeptide(L)'
;GDQSLEESGGRLVTPGTPLTLTCTVSGFSLNNNAMGWFRQAPGEGLEWIGAIYTDGSTYYASWAKGRFTISKTSTTIDLK
MTSLTTEDTATYFCARHGYTYSFNLWGPGTLVTVSSGQPKAPSVFPLAPCCGDTPSSTVTLGCLVKGYLPEPVTVTWNSG
TLTNGVRTFPSVRQSSGLYSLSSVVSVTSSSQPVTCNVAHPATNTKVDKTVAPSTCSKPAAAEQKLISEEDLNSAVDHHH
HHH
;
H
2 'polypeptide(L)'
;DPVMTQTPPSVSAAVGGTVTISCQSSQSVYNNDNLAWYQQKPGQPPKRLIYGASTLDSGVPSRFKGSGSGTQFTLTISGV
ECDDAATYYCQGAYNVDIYPFGGGTEVVVKGDPVAPTVLIFPPSADLVATGTVTIVCVANKYFPDVTVTWEVDGTTQTTG
IENSKTPQNSADCTYNLSSTLTLTSTQYNSHKEYTCKVTQGTTSVVQSFNRGDCAAAEQKLISEEDLNSAVDHHHHHH
;
L
3 'polypeptide(L)' NPIFEKFG(M3L)GGTYP B
#
loop_
_chem_comp.id
_chem_comp.type
_chem_comp.name
_chem_comp.formula
CL non-polymer 'CHLORIDE ION' 'Cl -1'
#
# COMPACT_ATOMS: atom_id res chain seq x y z
N GLY A 1 -2.12 -14.69 24.10
CA GLY A 1 -1.77 -13.34 24.69
C GLY A 1 -2.14 -12.19 23.78
N ASP A 2 -1.97 -10.93 24.23
CA ASP A 2 -2.48 -9.69 23.55
C ASP A 2 -1.35 -8.63 23.59
N GLN A 3 -0.32 -8.85 22.80
CA GLN A 3 0.81 -7.90 22.61
C GLN A 3 0.50 -7.10 21.36
N SER A 4 0.52 -5.78 21.45
CA SER A 4 0.22 -4.98 20.25
C SER A 4 0.85 -3.60 20.39
N LEU A 5 0.87 -2.97 19.24
CA LEU A 5 1.26 -1.55 19.03
C LEU A 5 0.22 -0.87 18.18
N GLU A 6 0.05 0.42 18.38
CA GLU A 6 -0.81 1.23 17.50
C GLU A 6 -0.29 2.67 17.47
N GLU A 7 0.07 3.13 16.27
CA GLU A 7 0.48 4.53 16.00
C GLU A 7 -0.73 5.44 15.78
N SER A 8 -0.63 6.68 16.22
CA SER A 8 -1.66 7.69 15.98
C SER A 8 -1.03 9.07 15.80
N GLY A 9 -1.79 10.02 15.23
CA GLY A 9 -1.28 11.39 15.09
C GLY A 9 -1.04 11.82 13.66
N GLY A 10 -1.04 10.87 12.72
CA GLY A 10 -0.77 11.16 11.32
C GLY A 10 -1.83 12.08 10.76
N ARG A 11 -1.45 13.10 10.03
CA ARG A 11 -2.40 14.03 9.41
C ARG A 11 -1.67 14.80 8.32
N LEU A 12 -2.41 15.64 7.64
CA LEU A 12 -1.90 16.66 6.71
C LEU A 12 -1.27 17.77 7.52
N VAL A 13 -0.10 18.18 7.14
CA VAL A 13 0.61 19.27 7.84
C VAL A 13 1.32 20.11 6.78
N THR A 14 1.30 21.43 6.93
CA THR A 14 2.00 22.29 5.96
C THR A 14 3.49 22.19 6.32
N PRO A 15 4.41 22.33 5.35
CA PRO A 15 5.85 22.38 5.65
C PRO A 15 6.22 23.37 6.78
N GLY A 16 7.11 22.98 7.69
CA GLY A 16 7.52 23.84 8.83
C GLY A 16 6.68 23.64 10.10
N THR A 17 5.46 23.11 10.00
CA THR A 17 4.50 22.88 11.12
C THR A 17 4.94 21.67 11.91
N PRO A 18 5.10 21.70 13.24
CA PRO A 18 5.53 20.50 13.95
C PRO A 18 4.36 19.54 14.17
N LEU A 19 4.70 18.27 14.38
CA LEU A 19 3.76 17.14 14.53
C LEU A 19 4.37 16.16 15.51
N THR A 20 3.53 15.64 16.41
CA THR A 20 3.92 14.56 17.30
C THR A 20 3.06 13.35 17.01
N LEU A 21 3.72 12.22 16.79
CA LEU A 21 3.05 10.92 16.63
C LEU A 21 3.19 10.15 17.94
N THR A 22 2.26 9.27 18.20
CA THR A 22 2.23 8.47 19.45
C THR A 22 2.07 7.01 19.10
N CYS A 23 2.78 6.17 19.82
CA CYS A 23 2.71 4.71 19.61
C CYS A 23 2.24 4.11 20.94
N THR A 24 1.02 3.59 21.00
CA THR A 24 0.47 3.04 22.24
C THR A 24 0.77 1.54 22.29
N VAL A 25 1.33 1.09 23.40
CA VAL A 25 1.77 -0.33 23.50
C VAL A 25 0.85 -1.09 24.46
N SER A 26 0.69 -2.36 24.20
CA SER A 26 -0.08 -3.26 25.06
C SER A 26 0.67 -4.58 25.25
N GLY A 27 0.65 -5.07 26.50
CA GLY A 27 1.01 -6.46 26.84
C GLY A 27 2.46 -6.67 27.13
N PHE A 28 3.24 -5.58 27.25
CA PHE A 28 4.65 -5.69 27.63
C PHE A 28 5.12 -4.36 28.26
N SER A 29 6.27 -4.42 28.91
CA SER A 29 6.86 -3.31 29.70
C SER A 29 7.96 -2.57 28.90
N LEU A 30 7.90 -1.24 28.89
CA LEU A 30 8.96 -0.42 28.26
C LEU A 30 10.18 -0.39 29.18
N ASN A 31 10.08 -0.95 30.42
CA ASN A 31 11.28 -1.09 31.30
C ASN A 31 12.11 -2.28 30.83
N ASN A 32 11.57 -3.13 29.96
CA ASN A 32 12.24 -4.42 29.59
C ASN A 32 12.38 -4.55 28.07
N ASN A 33 11.83 -3.62 27.30
CA ASN A 33 11.84 -3.67 25.82
C ASN A 33 12.17 -2.28 25.25
N ALA A 34 13.17 -2.22 24.40
CA ALA A 34 13.46 -1.03 23.56
C ALA A 34 12.42 -0.98 22.45
N MET A 35 12.30 0.20 21.87
CA MET A 35 11.33 0.51 20.80
C MET A 35 12.03 1.33 19.71
N GLY A 36 11.61 1.13 18.48
CA GLY A 36 12.04 1.93 17.32
C GLY A 36 10.87 2.60 16.61
N TRP A 37 11.21 3.66 15.89
CA TRP A 37 10.35 4.29 14.90
C TRP A 37 10.98 4.13 13.50
N PHE A 38 10.14 3.96 12.51
CA PHE A 38 10.50 3.65 11.12
C PHE A 38 9.54 4.42 10.22
N ARG A 39 9.90 4.55 8.97
CA ARG A 39 8.93 5.12 8.01
C ARG A 39 9.14 4.46 6.66
N GLN A 40 8.17 4.70 5.80
CA GLN A 40 8.25 4.28 4.40
C GLN A 40 7.52 5.28 3.55
N ALA A 41 8.27 6.04 2.74
CA ALA A 41 7.69 7.03 1.80
C ALA A 41 6.95 6.24 0.73
N PRO A 42 5.93 6.85 0.12
CA PRO A 42 5.12 6.14 -0.87
C PRO A 42 5.97 5.54 -2.00
N GLY A 43 5.84 4.23 -2.17
CA GLY A 43 6.52 3.44 -3.19
C GLY A 43 7.98 3.22 -2.87
N GLU A 44 8.47 3.57 -1.67
CA GLU A 44 9.92 3.57 -1.35
C GLU A 44 10.20 2.54 -0.27
N GLY A 45 11.44 2.44 0.19
CA GLY A 45 11.84 1.37 1.13
C GLY A 45 11.63 1.74 2.59
N LEU A 46 11.46 0.74 3.43
CA LEU A 46 11.52 0.90 4.91
C LEU A 46 12.81 1.55 5.37
N GLU A 47 12.75 2.48 6.30
CA GLU A 47 13.95 3.08 6.91
C GLU A 47 13.73 3.32 8.38
N TRP A 48 14.81 3.06 9.11
CA TRP A 48 14.87 3.29 10.57
C TRP A 48 15.06 4.78 10.83
N ILE A 49 14.30 5.31 11.77
CA ILE A 49 14.42 6.71 12.19
C ILE A 49 15.22 6.77 13.49
N GLY A 50 14.80 6.04 14.50
CA GLY A 50 15.54 6.08 15.77
C GLY A 50 14.96 5.11 16.77
N ALA A 51 15.54 5.10 17.95
CA ALA A 51 15.23 4.07 18.95
C ALA A 51 15.26 4.74 20.32
N ILE A 52 14.49 4.17 21.23
CA ILE A 52 14.57 4.55 22.66
C ILE A 52 14.75 3.27 23.48
N TYR A 53 15.81 3.26 24.28
CA TYR A 53 16.23 2.07 25.03
C TYR A 53 15.50 2.11 26.38
N THR A 54 15.72 1.08 27.18
CA THR A 54 14.87 0.90 28.39
C THR A 54 15.17 2.05 29.37
N ASP A 55 16.38 2.59 29.38
CA ASP A 55 16.74 3.72 30.30
C ASP A 55 16.32 5.08 29.73
N GLY A 56 15.63 5.11 28.58
CA GLY A 56 15.23 6.37 27.94
C GLY A 56 16.33 7.07 27.14
N SER A 57 17.51 6.47 26.98
CA SER A 57 18.51 6.95 25.98
C SER A 57 17.99 6.75 24.55
N THR A 58 18.31 7.72 23.66
CA THR A 58 17.80 7.75 22.28
C THR A 58 18.96 7.77 21.29
N TYR A 59 18.68 7.21 20.13
CA TYR A 59 19.63 6.94 19.02
C TYR A 59 18.88 7.22 17.72
N TYR A 60 19.53 7.95 16.80
CA TYR A 60 18.86 8.41 15.56
C TYR A 60 19.71 8.07 14.33
N ALA A 61 19.00 7.85 13.25
CA ALA A 61 19.61 7.82 11.90
C ALA A 61 20.29 9.19 11.69
N SER A 62 21.40 9.19 11.00
CA SER A 62 22.18 10.41 10.73
C SER A 62 21.28 11.54 10.30
N TRP A 63 20.39 11.28 9.36
CA TRP A 63 19.54 12.37 8.77
C TRP A 63 18.50 12.84 9.79
N ALA A 64 18.16 12.05 10.82
CA ALA A 64 16.99 12.34 11.70
C ALA A 64 17.44 13.11 12.95
N LYS A 65 18.74 13.05 13.26
CA LYS A 65 19.30 13.61 14.53
C LYS A 65 18.96 15.10 14.55
N GLY A 66 18.45 15.61 15.66
CA GLY A 66 18.23 17.06 15.83
C GLY A 66 16.82 17.49 15.41
N ARG A 67 16.23 16.86 14.41
CA ARG A 67 14.90 17.20 13.89
C ARG A 67 13.80 16.35 14.54
N PHE A 68 14.11 15.10 14.86
CA PHE A 68 13.20 14.06 15.44
CA PHE A 68 13.17 14.12 15.46
C PHE A 68 13.59 13.83 16.91
N THR A 69 12.61 13.79 17.81
CA THR A 69 12.84 13.43 19.21
C THR A 69 11.87 12.32 19.63
N ILE A 70 12.39 11.29 20.26
CA ILE A 70 11.62 10.18 20.87
C ILE A 70 11.63 10.32 22.40
N SER A 71 10.48 10.18 23.03
CA SER A 71 10.31 10.12 24.51
C SER A 71 9.30 9.01 24.78
N LYS A 72 9.14 8.62 26.05
CA LYS A 72 8.15 7.56 26.37
C LYS A 72 7.52 7.82 27.74
N THR A 73 6.32 7.29 27.91
CA THR A 73 5.65 7.14 29.22
C THR A 73 5.71 5.66 29.61
N SER A 74 4.87 5.20 30.57
CA SER A 74 4.77 3.75 30.92
C SER A 74 4.18 2.95 29.75
N THR A 75 3.34 3.57 28.92
CA THR A 75 2.54 2.85 27.91
C THR A 75 2.62 3.47 26.51
N THR A 76 3.38 4.54 26.28
CA THR A 76 3.44 5.18 24.94
C THR A 76 4.88 5.54 24.61
N ILE A 77 5.19 5.60 23.34
CA ILE A 77 6.38 6.34 22.87
C ILE A 77 5.87 7.41 21.93
N ASP A 78 6.60 8.49 21.82
CA ASP A 78 6.19 9.54 20.86
C ASP A 78 7.35 9.82 19.91
N LEU A 79 7.02 10.54 18.85
CA LEU A 79 8.00 11.01 17.83
C LEU A 79 7.67 12.45 17.51
N LYS A 80 8.42 13.35 18.14
CA LYS A 80 8.25 14.80 17.92
C LYS A 80 9.09 15.17 16.70
N MET A 81 8.43 15.61 15.63
CA MET A 81 9.11 15.98 14.38
C MET A 81 8.98 17.49 14.17
N THR A 82 10.07 18.10 13.67
CA THR A 82 10.17 19.54 13.34
C THR A 82 10.77 19.69 11.93
N SER A 83 10.64 20.87 11.35
CA SER A 83 11.23 21.23 10.05
C SER A 83 10.76 20.22 9.00
N LEU A 84 9.49 19.87 9.02
CA LEU A 84 8.93 18.87 8.07
C LEU A 84 8.92 19.47 6.67
N THR A 85 9.30 18.67 5.67
CA THR A 85 9.18 19.04 4.25
C THR A 85 8.43 17.91 3.53
N THR A 86 8.13 18.07 2.24
CA THR A 86 7.41 17.03 1.47
C THR A 86 8.17 15.70 1.51
N GLU A 87 9.48 15.70 1.74
CA GLU A 87 10.32 14.48 1.80
C GLU A 87 9.98 13.65 3.03
N ASP A 88 9.26 14.23 4.01
CA ASP A 88 8.88 13.51 5.24
C ASP A 88 7.52 12.83 5.06
N THR A 89 6.81 13.06 3.94
CA THR A 89 5.54 12.34 3.67
C THR A 89 5.83 10.85 3.65
N ALA A 90 5.17 10.09 4.51
CA ALA A 90 5.43 8.64 4.63
C ALA A 90 4.41 8.01 5.56
N THR A 91 4.39 6.69 5.55
CA THR A 91 3.77 5.91 6.64
C THR A 91 4.81 5.73 7.74
N TYR A 92 4.46 6.10 8.98
CA TYR A 92 5.35 5.98 10.17
C TYR A 92 4.92 4.75 10.99
N PHE A 93 5.89 3.90 11.39
CA PHE A 93 5.62 2.64 12.14
C PHE A 93 6.46 2.68 13.40
N CYS A 94 5.89 2.19 14.49
CA CYS A 94 6.67 1.85 15.70
C CYS A 94 6.81 0.34 15.77
N ALA A 95 7.93 -0.14 16.30
CA ALA A 95 8.20 -1.57 16.43
C ALA A 95 8.99 -1.83 17.72
N ARG A 96 8.82 -3.03 18.23
CA ARG A 96 9.46 -3.46 19.48
C ARG A 96 10.76 -4.17 19.15
N HIS A 97 11.83 -3.84 19.88
CA HIS A 97 13.13 -4.54 19.82
CA HIS A 97 13.12 -4.55 19.78
C HIS A 97 13.02 -5.91 20.46
N GLY A 98 13.69 -6.88 19.88
CA GLY A 98 13.89 -8.20 20.52
C GLY A 98 15.33 -8.37 20.89
N TYR A 99 15.64 -9.42 21.67
CA TYR A 99 17.01 -9.63 22.17
C TYR A 99 17.95 -10.02 21.03
N THR A 100 17.44 -10.37 19.83
CA THR A 100 18.26 -10.58 18.61
C THR A 100 18.57 -9.26 17.90
N TYR A 101 18.01 -8.16 18.38
CA TYR A 101 18.32 -6.81 17.89
C TYR A 101 17.73 -6.64 16.49
N SER A 102 16.61 -7.31 16.25
CA SER A 102 15.71 -7.02 15.12
C SER A 102 14.36 -6.73 15.76
N PHE A 103 13.32 -6.47 14.97
CA PHE A 103 12.06 -5.85 15.44
C PHE A 103 10.94 -6.88 15.29
N ASN A 104 10.34 -7.27 16.41
CA ASN A 104 9.52 -8.49 16.49
C ASN A 104 8.04 -8.19 16.61
N LEU A 105 7.60 -6.93 16.58
CA LEU A 105 6.18 -6.52 16.72
C LEU A 105 6.08 -5.12 16.12
N TRP A 106 5.07 -4.91 15.28
CA TRP A 106 4.94 -3.70 14.45
C TRP A 106 3.51 -3.22 14.58
N GLY A 107 3.33 -1.92 14.63
CA GLY A 107 1.97 -1.39 14.51
C GLY A 107 1.56 -1.30 13.03
N PRO A 108 0.29 -0.95 12.80
CA PRO A 108 -0.27 -0.86 11.45
C PRO A 108 0.21 0.33 10.61
N GLY A 109 0.74 1.36 11.30
CA GLY A 109 1.30 2.58 10.73
C GLY A 109 0.33 3.75 10.82
N THR A 110 0.85 4.95 10.77
CA THR A 110 0.08 6.20 10.65
C THR A 110 0.69 7.06 9.55
N LEU A 111 -0.18 7.71 8.78
CA LEU A 111 0.25 8.39 7.55
C LEU A 111 0.47 9.87 7.88
N VAL A 112 1.67 10.36 7.60
CA VAL A 112 2.02 11.80 7.67
C VAL A 112 2.09 12.35 6.24
N THR A 113 1.26 13.36 5.94
CA THR A 113 1.24 14.01 4.61
C THR A 113 1.70 15.45 4.75
N VAL A 114 2.89 15.77 4.23
CA VAL A 114 3.42 17.13 4.33
C VAL A 114 3.13 17.79 2.99
N SER A 115 2.32 18.85 2.96
CA SER A 115 1.70 19.38 1.74
C SER A 115 1.25 20.82 1.94
N SER A 116 1.26 21.61 0.86
CA SER A 116 0.65 22.96 0.86
C SER A 116 -0.82 22.84 0.37
N GLY A 117 -1.33 21.63 0.15
CA GLY A 117 -2.78 21.42 -0.08
C GLY A 117 -3.56 21.57 1.22
N GLN A 118 -4.88 21.50 1.14
CA GLN A 118 -5.83 21.69 2.28
C GLN A 118 -6.61 20.39 2.47
N PRO A 119 -7.04 20.07 3.70
CA PRO A 119 -7.83 18.86 3.93
C PRO A 119 -9.09 19.00 3.10
N LYS A 120 -9.37 18.00 2.28
CA LYS A 120 -10.40 18.11 1.26
C LYS A 120 -11.13 16.78 1.23
N ALA A 121 -12.43 16.84 1.43
CA ALA A 121 -13.29 15.64 1.43
C ALA A 121 -13.44 15.10 0.00
N PRO A 122 -13.58 13.79 -0.15
CA PRO A 122 -13.84 13.20 -1.44
C PRO A 122 -15.24 13.57 -1.98
N SER A 123 -15.34 13.64 -3.29
CA SER A 123 -16.60 13.66 -4.04
C SER A 123 -16.85 12.24 -4.57
N VAL A 124 -18.04 11.70 -4.36
CA VAL A 124 -18.36 10.29 -4.68
C VAL A 124 -19.39 10.22 -5.80
N PHE A 125 -19.08 9.45 -6.82
CA PHE A 125 -19.96 9.30 -7.99
C PHE A 125 -20.19 7.84 -8.29
N PRO A 126 -21.42 7.51 -8.72
CA PRO A 126 -21.78 6.12 -9.02
C PRO A 126 -21.13 5.67 -10.31
N LEU A 127 -20.76 4.41 -10.34
CA LEU A 127 -20.27 3.73 -11.53
C LEU A 127 -21.29 2.63 -11.88
N ALA A 128 -21.91 2.81 -13.02
CA ALA A 128 -22.87 1.84 -13.55
C ALA A 128 -22.68 1.69 -15.05
N PRO A 129 -23.04 0.53 -15.62
CA PRO A 129 -22.96 0.33 -17.07
C PRO A 129 -23.85 1.30 -17.82
N CYS A 130 -23.46 1.59 -19.06
CA CYS A 130 -24.17 2.56 -19.92
C CYS A 130 -25.64 2.11 -20.02
N CYS A 131 -26.58 3.05 -19.89
CA CYS A 131 -28.02 2.84 -20.20
C CYS A 131 -28.13 2.21 -21.59
N GLY A 132 -28.85 1.09 -21.73
CA GLY A 132 -29.06 0.41 -23.03
C GLY A 132 -28.07 -0.73 -23.22
N ASP A 133 -27.05 -0.87 -22.38
CA ASP A 133 -26.28 -2.14 -22.31
C ASP A 133 -27.27 -3.29 -22.06
N THR A 134 -27.08 -4.44 -22.73
CA THR A 134 -27.83 -5.70 -22.46
C THR A 134 -27.47 -6.19 -21.06
N PRO A 135 -28.46 -6.28 -20.14
CA PRO A 135 -28.21 -6.78 -18.79
C PRO A 135 -27.97 -8.29 -18.73
N SER A 136 -27.38 -8.71 -17.61
CA SER A 136 -26.92 -10.09 -17.30
C SER A 136 -27.55 -10.58 -15.99
N SER A 137 -27.13 -11.78 -15.57
CA SER A 137 -27.48 -12.42 -14.27
C SER A 137 -26.79 -11.68 -13.14
N THR A 138 -25.62 -11.08 -13.41
CA THR A 138 -24.86 -10.25 -12.45
C THR A 138 -24.58 -8.89 -13.08
N VAL A 139 -24.25 -7.95 -12.22
CA VAL A 139 -23.88 -6.57 -12.65
C VAL A 139 -22.74 -6.15 -11.74
N THR A 140 -21.80 -5.39 -12.31
CA THR A 140 -20.70 -4.76 -11.53
C THR A 140 -20.97 -3.27 -11.44
N LEU A 141 -21.07 -2.82 -10.22
CA LEU A 141 -21.42 -1.43 -9.86
C LEU A 141 -20.28 -0.93 -9.00
N GLY A 142 -20.17 0.40 -8.90
CA GLY A 142 -19.05 0.94 -8.15
C GLY A 142 -19.27 2.36 -7.69
N CYS A 143 -18.22 2.84 -7.02
CA CYS A 143 -18.11 4.24 -6.61
C CYS A 143 -16.72 4.75 -7.00
N LEU A 144 -16.71 5.92 -7.62
CA LEU A 144 -15.50 6.73 -7.86
C LEU A 144 -15.40 7.73 -6.72
N VAL A 145 -14.29 7.67 -6.04
CA VAL A 145 -13.98 8.51 -4.84
C VAL A 145 -12.86 9.47 -5.25
N LYS A 146 -13.16 10.72 -5.51
CA LYS A 146 -12.12 11.59 -6.13
C LYS A 146 -11.92 12.92 -5.41
N GLY A 147 -10.74 13.46 -5.63
CA GLY A 147 -10.42 14.82 -5.21
C GLY A 147 -10.22 14.95 -3.72
N TYR A 148 -9.62 13.97 -3.01
CA TYR A 148 -9.49 14.07 -1.53
C TYR A 148 -8.04 14.22 -1.07
N LEU A 149 -7.86 14.76 0.13
CA LEU A 149 -6.52 14.97 0.69
C LEU A 149 -6.71 15.12 2.17
N PRO A 150 -5.87 14.50 3.03
CA PRO A 150 -4.90 13.45 2.66
C PRO A 150 -5.58 12.08 2.51
N GLU A 151 -4.82 11.03 2.20
CA GLU A 151 -5.21 9.64 2.48
C GLU A 151 -5.27 9.44 3.99
N PRO A 152 -5.94 8.41 4.52
CA PRO A 152 -6.76 7.49 3.72
C PRO A 152 -8.25 7.84 3.62
N VAL A 153 -8.97 7.09 2.79
CA VAL A 153 -10.45 6.96 2.89
C VAL A 153 -10.70 5.50 3.26
N THR A 154 -11.85 5.23 3.87
CA THR A 154 -12.37 3.84 3.96
C THR A 154 -13.59 3.73 3.05
N VAL A 155 -13.68 2.62 2.35
CA VAL A 155 -14.85 2.34 1.49
C VAL A 155 -15.43 1.00 1.91
N THR A 156 -16.68 0.99 2.33
CA THR A 156 -17.38 -0.28 2.62
C THR A 156 -18.55 -0.38 1.67
N TRP A 157 -19.20 -1.54 1.62
CA TRP A 157 -20.45 -1.76 0.89
C TRP A 157 -21.51 -2.28 1.87
N ASN A 158 -22.70 -1.72 1.79
CA ASN A 158 -23.83 -2.10 2.67
C ASN A 158 -23.32 -2.13 4.09
N SER A 159 -22.58 -1.09 4.47
CA SER A 159 -22.08 -0.82 5.84
C SER A 159 -21.22 -2.01 6.29
N GLY A 160 -20.38 -2.58 5.41
CA GLY A 160 -19.46 -3.66 5.80
C GLY A 160 -20.10 -5.04 5.76
N THR A 161 -21.37 -5.18 5.42
CA THR A 161 -22.06 -6.50 5.36
C THR A 161 -21.90 -7.13 3.98
N LEU A 162 -21.50 -6.36 2.97
CA LEU A 162 -21.23 -6.90 1.62
C LEU A 162 -19.71 -6.85 1.37
N THR A 163 -19.05 -8.03 1.36
CA THR A 163 -17.58 -8.11 1.18
C THR A 163 -17.22 -9.02 -0.01
N ASN A 164 -18.05 -10.02 -0.30
CA ASN A 164 -17.91 -10.96 -1.47
C ASN A 164 -17.97 -10.13 -2.74
N GLY A 165 -16.95 -10.22 -3.61
CA GLY A 165 -16.99 -9.63 -4.95
C GLY A 165 -16.66 -8.16 -4.94
N VAL A 166 -16.14 -7.63 -3.81
CA VAL A 166 -15.67 -6.22 -3.72
C VAL A 166 -14.24 -6.17 -4.24
N ARG A 167 -13.98 -5.23 -5.15
CA ARG A 167 -12.60 -4.85 -5.54
C ARG A 167 -12.39 -3.37 -5.32
N THR A 168 -11.49 -3.02 -4.42
CA THR A 168 -11.13 -1.63 -4.12
C THR A 168 -9.70 -1.39 -4.61
N PHE A 169 -9.50 -0.42 -5.48
CA PHE A 169 -8.19 -0.18 -6.12
C PHE A 169 -7.35 0.71 -5.23
N PRO A 170 -6.01 0.59 -5.32
CA PRO A 170 -5.12 1.50 -4.61
C PRO A 170 -5.39 2.92 -5.10
N SER A 171 -5.26 3.87 -4.20
CA SER A 171 -5.37 5.30 -4.58
C SER A 171 -4.26 5.68 -5.52
N VAL A 172 -4.53 6.71 -6.30
CA VAL A 172 -3.51 7.35 -7.17
C VAL A 172 -3.53 8.82 -6.82
N ARG A 173 -2.34 9.37 -6.62
CA ARG A 173 -2.15 10.81 -6.42
C ARG A 173 -1.95 11.49 -7.78
N GLN A 174 -2.85 12.42 -8.14
CA GLN A 174 -2.81 13.30 -9.35
C GLN A 174 -1.67 14.33 -9.20
N SER A 175 -1.22 14.97 -10.28
CA SER A 175 -0.06 15.91 -10.24
C SER A 175 -0.41 17.06 -9.29
N SER A 176 -1.70 17.38 -9.14
CA SER A 176 -2.25 18.39 -8.19
C SER A 176 -2.02 18.04 -6.71
N GLY A 177 -1.74 16.76 -6.37
CA GLY A 177 -1.58 16.32 -4.97
C GLY A 177 -2.82 15.62 -4.43
N LEU A 178 -3.99 15.81 -5.08
CA LEU A 178 -5.24 15.16 -4.63
C LEU A 178 -5.18 13.67 -4.98
N TYR A 179 -5.92 12.85 -4.25
CA TYR A 179 -6.03 11.41 -4.52
C TYR A 179 -7.40 11.07 -5.09
N SER A 180 -7.45 9.94 -5.76
CA SER A 180 -8.68 9.35 -6.30
C SER A 180 -8.60 7.83 -6.16
N LEU A 181 -9.71 7.15 -5.95
CA LEU A 181 -9.74 5.67 -6.15
C LEU A 181 -11.14 5.27 -6.55
N SER A 182 -11.27 4.07 -7.08
CA SER A 182 -12.59 3.46 -7.32
C SER A 182 -12.72 2.16 -6.53
N SER A 183 -13.94 1.80 -6.23
CA SER A 183 -14.30 0.48 -5.63
C SER A 183 -15.44 -0.10 -6.44
N VAL A 184 -15.38 -1.36 -6.80
CA VAL A 184 -16.48 -2.00 -7.56
C VAL A 184 -16.91 -3.27 -6.81
N VAL A 185 -18.12 -3.69 -7.09
CA VAL A 185 -18.71 -4.92 -6.48
C VAL A 185 -19.58 -5.60 -7.55
N SER A 186 -19.44 -6.92 -7.70
CA SER A 186 -20.27 -7.71 -8.63
C SER A 186 -21.35 -8.39 -7.79
N VAL A 187 -22.60 -8.18 -8.14
CA VAL A 187 -23.79 -8.71 -7.43
C VAL A 187 -24.78 -9.31 -8.39
N THR A 188 -25.58 -10.27 -7.91
CA THR A 188 -26.71 -10.84 -8.67
C THR A 188 -27.62 -9.68 -9.02
N SER A 189 -28.03 -9.60 -10.30
CA SER A 189 -28.86 -8.50 -10.89
C SER A 189 -30.23 -8.45 -10.20
N SER A 190 -30.72 -9.60 -9.73
CA SER A 190 -31.95 -9.75 -8.90
C SER A 190 -31.71 -9.21 -7.49
N SER A 191 -30.46 -9.01 -7.07
CA SER A 191 -30.09 -8.72 -5.66
C SER A 191 -30.69 -7.38 -5.21
N GLN A 192 -30.63 -7.11 -3.90
CA GLN A 192 -31.10 -5.84 -3.30
C GLN A 192 -30.13 -4.75 -3.71
N PRO A 193 -30.44 -3.48 -3.39
CA PRO A 193 -29.59 -2.36 -3.74
C PRO A 193 -28.23 -2.42 -3.00
N VAL A 194 -27.22 -1.84 -3.65
CA VAL A 194 -25.85 -1.74 -3.08
C VAL A 194 -25.57 -0.28 -2.87
N THR A 195 -24.98 0.00 -1.73
CA THR A 195 -24.59 1.34 -1.28
C THR A 195 -23.12 1.32 -0.90
N CYS A 196 -22.34 2.24 -1.46
CA CYS A 196 -20.95 2.35 -1.00
C CYS A 196 -20.94 3.41 0.10
N ASN A 197 -20.15 3.14 1.12
CA ASN A 197 -20.04 4.03 2.32
C ASN A 197 -18.61 4.51 2.39
N VAL A 198 -18.40 5.78 2.09
CA VAL A 198 -17.05 6.38 1.99
C VAL A 198 -16.87 7.23 3.24
N ALA A 199 -15.81 7.04 3.97
CA ALA A 199 -15.47 7.89 5.13
C ALA A 199 -14.06 8.44 4.91
N HIS A 200 -13.93 9.70 5.25
CA HIS A 200 -12.65 10.44 5.18
C HIS A 200 -12.33 10.95 6.57
N PRO A 201 -11.52 10.21 7.37
CA PRO A 201 -11.21 10.67 8.73
C PRO A 201 -10.68 12.10 8.82
N ALA A 202 -9.82 12.55 7.89
CA ALA A 202 -9.21 13.88 8.00
C ALA A 202 -10.27 14.98 8.02
N THR A 203 -11.41 14.83 7.31
CA THR A 203 -12.47 15.87 7.27
C THR A 203 -13.68 15.42 8.09
N ASN A 204 -13.64 14.26 8.71
CA ASN A 204 -14.76 13.64 9.43
C ASN A 204 -16.02 13.66 8.57
N THR A 205 -15.88 13.28 7.31
CA THR A 205 -17.02 13.27 6.36
CA THR A 205 -16.97 13.27 6.31
C THR A 205 -17.36 11.83 6.00
N LYS A 206 -18.64 11.56 5.83
CA LYS A 206 -19.12 10.24 5.38
C LYS A 206 -20.10 10.47 4.26
N VAL A 207 -19.99 9.68 3.21
CA VAL A 207 -20.88 9.79 2.04
C VAL A 207 -21.41 8.40 1.77
N ASP A 208 -22.70 8.27 1.60
CA ASP A 208 -23.28 7.00 1.13
C ASP A 208 -23.70 7.24 -0.31
N LYS A 209 -23.50 6.26 -1.16
CA LYS A 209 -24.00 6.33 -2.54
C LYS A 209 -24.65 5.01 -2.91
N THR A 210 -25.96 5.02 -3.14
CA THR A 210 -26.72 3.83 -3.57
C THR A 210 -26.60 3.81 -5.09
N VAL A 211 -26.08 2.74 -5.64
CA VAL A 211 -25.69 2.71 -7.08
C VAL A 211 -26.72 1.87 -7.79
N ALA A 212 -27.51 2.54 -8.65
CA ALA A 212 -28.60 2.01 -9.49
C ALA A 212 -27.97 1.37 -10.72
N PRO A 213 -28.44 0.16 -11.13
CA PRO A 213 -27.78 -0.62 -12.16
C PRO A 213 -27.73 0.06 -13.53
N SER A 214 -28.50 1.14 -13.73
CA SER A 214 -28.56 2.06 -14.91
C SER A 214 -29.33 1.42 -16.10
N ASP B 1 28.61 4.60 10.08
CA ASP B 1 27.24 4.04 10.15
C ASP B 1 27.04 2.95 9.10
N PRO B 2 26.69 1.72 9.51
CA PRO B 2 26.69 0.61 8.56
C PRO B 2 25.55 0.75 7.56
N VAL B 3 25.78 0.18 6.40
CA VAL B 3 24.84 0.22 5.25
C VAL B 3 24.59 -1.20 4.81
N MET B 4 23.33 -1.54 4.52
CA MET B 4 22.97 -2.85 3.94
C MET B 4 22.69 -2.63 2.46
N THR B 5 23.23 -3.46 1.61
CA THR B 5 22.84 -3.44 0.19
C THR B 5 22.28 -4.81 -0.19
N GLN B 6 21.09 -4.72 -0.78
CA GLN B 6 20.27 -5.88 -1.16
C GLN B 6 20.21 -5.98 -2.67
N THR B 7 20.31 -7.19 -3.21
CA THR B 7 20.15 -7.47 -4.64
C THR B 7 19.33 -8.75 -4.77
N PRO B 8 18.58 -8.97 -5.86
CA PRO B 8 18.35 -7.95 -6.88
C PRO B 8 17.24 -7.01 -6.41
N PRO B 9 17.01 -5.89 -7.12
CA PRO B 9 15.90 -4.99 -6.82
C PRO B 9 14.54 -5.67 -6.95
N SER B 10 14.47 -6.59 -7.91
CA SER B 10 13.23 -7.26 -8.30
C SER B 10 13.52 -8.67 -8.82
N VAL B 11 12.59 -9.57 -8.63
CA VAL B 11 12.72 -10.90 -9.26
C VAL B 11 11.32 -11.47 -9.47
N SER B 12 11.16 -12.20 -10.58
CA SER B 12 9.94 -12.96 -10.95
C SER B 12 10.23 -14.46 -10.87
N ALA B 13 9.33 -15.26 -10.28
CA ALA B 13 9.46 -16.74 -10.24
C ALA B 13 8.09 -17.37 -10.42
N ALA B 14 8.02 -18.53 -11.07
CA ALA B 14 6.76 -19.30 -11.24
C ALA B 14 6.42 -20.03 -9.93
N VAL B 15 5.12 -20.21 -9.67
CA VAL B 15 4.57 -20.95 -8.51
C VAL B 15 5.33 -22.25 -8.46
N GLY B 16 5.82 -22.58 -7.26
CA GLY B 16 6.60 -23.79 -7.03
C GLY B 16 8.07 -23.61 -7.33
N GLY B 17 8.48 -22.45 -7.84
CA GLY B 17 9.91 -22.17 -8.09
C GLY B 17 10.63 -21.71 -6.80
N THR B 18 11.89 -21.34 -6.97
CA THR B 18 12.81 -20.90 -5.88
C THR B 18 13.29 -19.46 -6.15
N VAL B 19 13.17 -18.59 -5.16
CA VAL B 19 13.71 -17.22 -5.19
C VAL B 19 14.88 -17.12 -4.21
N THR B 20 15.94 -16.42 -4.60
CA THR B 20 17.12 -16.16 -3.76
C THR B 20 17.43 -14.67 -3.74
N ILE B 21 17.48 -14.07 -2.57
CA ILE B 21 17.77 -12.63 -2.36
C ILE B 21 19.01 -12.53 -1.50
N SER B 22 19.84 -11.54 -1.81
CA SER B 22 21.16 -11.38 -1.19
C SER B 22 21.19 -10.05 -0.45
N CYS B 23 21.87 -10.05 0.68
CA CYS B 23 22.11 -8.86 1.51
C CYS B 23 23.59 -8.82 1.82
N GLN B 24 24.25 -7.69 1.55
CA GLN B 24 25.64 -7.44 1.98
C GLN B 24 25.62 -6.33 3.03
N SER B 25 26.35 -6.54 4.10
CA SER B 25 26.56 -5.49 5.13
C SER B 25 27.94 -4.86 4.95
N SER B 26 28.08 -3.55 5.18
CA SER B 26 29.36 -2.80 5.06
C SER B 26 30.28 -3.13 6.24
N GLN B 27 29.75 -3.66 7.35
CA GLN B 27 30.54 -4.08 8.52
C GLN B 27 30.00 -5.42 9.00
N SER B 28 30.81 -6.17 9.74
CA SER B 28 30.36 -7.41 10.38
C SER B 28 29.18 -7.12 11.32
N VAL B 29 28.13 -7.94 11.19
CA VAL B 29 26.93 -7.75 12.05
C VAL B 29 27.32 -8.25 13.42
N TYR B 30 26.55 -7.85 14.42
CA TYR B 30 26.78 -8.19 15.84
C TYR B 30 26.71 -9.71 16.01
N ASN B 31 27.75 -10.25 16.68
CA ASN B 31 27.92 -11.70 16.95
C ASN B 31 27.93 -12.49 15.65
N ASN B 32 28.17 -11.82 14.52
CA ASN B 32 28.23 -12.38 13.16
C ASN B 32 26.89 -12.91 12.66
N ASP B 33 25.79 -12.89 13.42
CA ASP B 33 24.49 -13.41 12.90
C ASP B 33 23.27 -12.54 13.24
N ASN B 34 23.43 -11.35 13.81
CA ASN B 34 22.28 -10.46 14.11
C ASN B 34 21.85 -9.81 12.80
N LEU B 35 21.18 -10.60 11.97
CA LEU B 35 20.67 -10.18 10.65
C LEU B 35 19.25 -10.74 10.52
N ALA B 36 18.29 -9.88 10.21
CA ALA B 36 16.88 -10.28 10.10
C ALA B 36 16.35 -9.98 8.71
N TRP B 37 15.34 -10.76 8.34
CA TRP B 37 14.59 -10.60 7.07
C TRP B 37 13.15 -10.30 7.39
N TYR B 38 12.57 -9.38 6.63
CA TYR B 38 11.14 -9.02 6.77
C TYR B 38 10.46 -9.15 5.41
N GLN B 39 9.16 -9.44 5.48
CA GLN B 39 8.22 -9.43 4.35
C GLN B 39 7.27 -8.25 4.54
N GLN B 40 6.98 -7.53 3.45
CA GLN B 40 5.98 -6.47 3.52
C GLN B 40 5.13 -6.51 2.27
N LYS B 41 3.84 -6.53 2.49
CA LYS B 41 2.85 -6.41 1.40
C LYS B 41 2.25 -5.04 1.43
N PRO B 42 1.73 -4.55 0.30
CA PRO B 42 1.25 -3.18 0.24
C PRO B 42 0.17 -2.92 1.28
N GLY B 43 0.30 -1.79 1.97
CA GLY B 43 -0.67 -1.31 2.98
C GLY B 43 -0.57 -2.06 4.30
N GLN B 44 0.42 -2.94 4.44
CA GLN B 44 0.54 -3.74 5.68
C GLN B 44 1.86 -3.34 6.33
N PRO B 45 1.99 -3.53 7.66
CA PRO B 45 3.28 -3.38 8.30
C PRO B 45 4.23 -4.48 7.80
N PRO B 46 5.56 -4.29 7.94
CA PRO B 46 6.47 -5.41 7.78
C PRO B 46 6.21 -6.49 8.83
N LYS B 47 6.56 -7.71 8.42
CA LYS B 47 6.44 -8.95 9.24
C LYS B 47 7.82 -9.63 9.27
N ARG B 48 8.42 -9.73 10.44
CA ARG B 48 9.73 -10.39 10.51
C ARG B 48 9.58 -11.89 10.22
N LEU B 49 10.42 -12.39 9.32
CA LEU B 49 10.36 -13.82 8.90
C LEU B 49 11.46 -14.57 9.62
N ILE B 50 12.66 -13.97 9.56
CA ILE B 50 13.91 -14.60 10.07
C ILE B 50 14.58 -13.65 11.04
N TYR B 51 15.15 -14.18 12.10
CA TYR B 51 16.04 -13.42 13.00
C TYR B 51 17.28 -14.28 13.26
N GLY B 52 18.35 -13.60 13.68
CA GLY B 52 19.62 -14.30 13.92
C GLY B 52 20.07 -15.09 12.70
N ALA B 53 19.84 -14.51 11.53
CA ALA B 53 20.33 -14.91 10.20
C ALA B 53 19.61 -16.16 9.71
N SER B 54 19.19 -17.08 10.59
CA SER B 54 18.72 -18.42 10.16
C SER B 54 17.52 -18.94 10.95
N THR B 55 17.07 -18.27 12.02
CA THR B 55 15.94 -18.78 12.81
C THR B 55 14.62 -18.26 12.27
N LEU B 56 13.70 -19.16 11.95
CA LEU B 56 12.35 -18.75 11.50
C LEU B 56 11.56 -18.20 12.68
N ASP B 57 10.95 -17.05 12.50
CA ASP B 57 9.93 -16.50 13.45
C ASP B 57 8.68 -17.41 13.49
N SER B 58 7.87 -17.22 14.52
CA SER B 58 6.63 -18.01 14.73
C SER B 58 5.63 -17.62 13.63
N GLY B 59 4.90 -18.60 13.12
CA GLY B 59 3.95 -18.40 12.02
C GLY B 59 4.70 -17.94 10.78
N VAL B 60 5.77 -18.69 10.43
CA VAL B 60 6.57 -18.55 9.18
C VAL B 60 6.75 -19.92 8.56
N PRO B 61 6.29 -20.11 7.32
CA PRO B 61 6.45 -21.38 6.63
C PRO B 61 7.91 -21.80 6.47
N SER B 62 8.12 -23.11 6.47
CA SER B 62 9.43 -23.80 6.40
C SER B 62 10.08 -23.58 5.03
N ARG B 63 9.33 -23.14 3.99
CA ARG B 63 9.88 -22.79 2.64
C ARG B 63 10.86 -21.59 2.74
N PHE B 64 10.79 -20.80 3.80
CA PHE B 64 11.69 -19.63 3.98
C PHE B 64 12.92 -20.12 4.73
N LYS B 65 14.11 -19.84 4.20
CA LYS B 65 15.38 -20.27 4.81
C LYS B 65 16.32 -19.07 4.76
N GLY B 66 16.94 -18.71 5.86
CA GLY B 66 17.95 -17.66 5.92
C GLY B 66 19.32 -18.30 6.15
N SER B 67 20.33 -17.80 5.47
CA SER B 67 21.70 -18.30 5.67
C SER B 67 22.68 -17.12 5.62
N GLY B 68 23.91 -17.41 6.00
CA GLY B 68 25.01 -16.42 5.95
C GLY B 68 25.51 -16.11 7.34
N SER B 69 26.58 -15.34 7.42
CA SER B 69 27.25 -14.92 8.67
C SER B 69 28.18 -13.77 8.29
N GLY B 70 28.53 -12.91 9.24
CA GLY B 70 29.54 -11.86 8.98
C GLY B 70 28.95 -10.69 8.20
N THR B 71 29.16 -10.66 6.89
CA THR B 71 28.72 -9.52 6.05
C THR B 71 27.85 -10.01 4.90
N GLN B 72 27.67 -11.33 4.67
CA GLN B 72 26.92 -11.80 3.47
C GLN B 72 25.82 -12.76 3.91
N PHE B 73 24.60 -12.50 3.47
CA PHE B 73 23.40 -13.25 3.94
C PHE B 73 22.53 -13.56 2.74
N THR B 74 21.68 -14.57 2.87
CA THR B 74 20.79 -15.01 1.77
C THR B 74 19.43 -15.34 2.37
N LEU B 75 18.39 -14.96 1.66
CA LEU B 75 17.06 -15.50 1.93
C LEU B 75 16.63 -16.29 0.71
N THR B 76 16.22 -17.53 0.93
CA THR B 76 15.76 -18.42 -0.16
C THR B 76 14.31 -18.79 0.11
N ILE B 77 13.43 -18.67 -0.90
CA ILE B 77 12.05 -19.18 -0.80
C ILE B 77 11.97 -20.39 -1.71
N SER B 78 11.79 -21.56 -1.10
CA SER B 78 11.86 -22.89 -1.78
C SER B 78 10.44 -23.38 -2.03
N GLY B 79 9.93 -23.22 -3.25
CA GLY B 79 8.51 -23.49 -3.54
C GLY B 79 7.69 -22.23 -3.38
N VAL B 80 7.97 -21.20 -4.16
CA VAL B 80 7.24 -19.90 -4.00
C VAL B 80 5.75 -20.12 -4.28
N GLU B 81 4.93 -19.46 -3.48
CA GLU B 81 3.47 -19.48 -3.66
C GLU B 81 3.00 -18.04 -3.88
N CYS B 82 1.76 -17.88 -4.34
CA CYS B 82 1.20 -16.54 -4.68
C CYS B 82 1.21 -15.66 -3.42
N ASP B 83 1.07 -16.25 -2.22
CA ASP B 83 1.10 -15.52 -0.93
C ASP B 83 2.47 -14.90 -0.63
N ASP B 84 3.52 -15.33 -1.32
CA ASP B 84 4.90 -14.81 -1.12
C ASP B 84 5.20 -13.59 -2.03
N ALA B 85 4.29 -13.16 -2.89
CA ALA B 85 4.49 -11.91 -3.65
C ALA B 85 4.46 -10.75 -2.64
N ALA B 86 5.54 -9.98 -2.56
CA ALA B 86 5.79 -9.02 -1.47
C ALA B 86 7.14 -8.41 -1.72
N THR B 87 7.52 -7.42 -0.93
CA THR B 87 8.88 -6.88 -0.93
C THR B 87 9.55 -7.41 0.34
N TYR B 88 10.80 -7.75 0.24
CA TYR B 88 11.60 -8.37 1.32
C TYR B 88 12.70 -7.40 1.66
N TYR B 89 12.99 -7.26 2.94
CA TYR B 89 14.03 -6.37 3.47
C TYR B 89 14.91 -7.16 4.43
N CYS B 90 16.19 -6.85 4.38
CA CYS B 90 17.17 -7.28 5.42
C CYS B 90 17.52 -6.10 6.37
N GLN B 91 17.85 -6.43 7.61
CA GLN B 91 18.21 -5.42 8.62
C GLN B 91 19.32 -6.00 9.48
N GLY B 92 20.44 -5.28 9.58
CA GLY B 92 21.58 -5.65 10.47
C GLY B 92 21.49 -5.03 11.83
N ALA B 93 22.11 -5.65 12.83
CA ALA B 93 22.51 -4.94 14.07
C ALA B 93 24.01 -5.09 14.31
N TYR B 94 24.52 -4.20 15.13
CA TYR B 94 25.96 -3.87 15.18
C TYR B 94 26.34 -3.54 16.61
N ASN B 95 27.64 -3.44 16.84
CA ASN B 95 28.26 -2.81 18.04
C ASN B 95 27.72 -1.39 18.20
N VAL B 96 27.56 -0.66 17.12
CA VAL B 96 27.05 0.74 17.14
C VAL B 96 25.52 0.72 17.15
N ASP B 97 24.92 1.83 17.58
CA ASP B 97 23.47 1.95 17.85
C ASP B 97 22.75 2.43 16.59
N ILE B 98 22.74 1.58 15.58
CA ILE B 98 22.21 1.85 14.23
C ILE B 98 21.52 0.58 13.75
N TYR B 99 20.37 0.72 13.12
CA TYR B 99 19.54 -0.43 12.72
C TYR B 99 19.17 -0.24 11.26
N PRO B 100 20.15 -0.40 10.36
CA PRO B 100 19.91 -0.13 8.95
C PRO B 100 19.17 -1.23 8.20
N PHE B 101 18.37 -0.82 7.23
CA PHE B 101 17.61 -1.72 6.34
C PHE B 101 18.22 -1.71 4.95
N GLY B 102 18.17 -2.85 4.29
CA GLY B 102 18.40 -2.96 2.85
C GLY B 102 17.33 -2.22 2.09
N GLY B 103 17.61 -1.95 0.82
CA GLY B 103 16.69 -1.19 -0.06
C GLY B 103 15.43 -1.95 -0.48
N GLY B 104 15.36 -3.25 -0.25
CA GLY B 104 14.21 -4.08 -0.61
C GLY B 104 14.43 -4.85 -1.89
N THR B 105 13.76 -6.00 -1.99
CA THR B 105 13.61 -6.77 -3.22
C THR B 105 12.15 -7.09 -3.41
N GLU B 106 11.59 -6.69 -4.57
CA GLU B 106 10.18 -7.02 -4.91
CA GLU B 106 10.19 -7.02 -4.94
C GLU B 106 10.14 -8.44 -5.50
N VAL B 107 9.25 -9.27 -5.05
CA VAL B 107 9.11 -10.65 -5.60
C VAL B 107 7.77 -10.69 -6.29
N VAL B 108 7.80 -10.96 -7.59
CA VAL B 108 6.56 -11.17 -8.39
C VAL B 108 6.44 -12.69 -8.64
N VAL B 109 5.26 -13.26 -8.39
CA VAL B 109 5.04 -14.71 -8.53
C VAL B 109 4.17 -14.94 -9.76
N LYS B 110 4.69 -15.71 -10.70
CA LYS B 110 3.97 -16.00 -11.99
C LYS B 110 3.03 -17.17 -11.75
N GLY B 111 1.73 -16.92 -11.84
CA GLY B 111 0.70 -17.95 -11.70
C GLY B 111 0.20 -18.36 -13.07
N ASP B 112 -0.91 -19.07 -13.11
CA ASP B 112 -1.51 -19.56 -14.36
C ASP B 112 -2.09 -18.36 -15.09
N PRO B 113 -2.02 -18.35 -16.44
CA PRO B 113 -2.62 -17.26 -17.22
C PRO B 113 -4.14 -17.23 -17.05
N VAL B 114 -4.68 -16.01 -16.97
CA VAL B 114 -6.13 -15.74 -16.86
C VAL B 114 -6.35 -14.45 -17.65
N ALA B 115 -7.27 -14.50 -18.59
CA ALA B 115 -7.68 -13.33 -19.41
C ALA B 115 -8.52 -12.40 -18.55
N PRO B 116 -8.39 -11.07 -18.72
CA PRO B 116 -9.21 -10.13 -17.96
C PRO B 116 -10.69 -10.11 -18.42
N THR B 117 -11.58 -9.81 -17.49
CA THR B 117 -12.90 -9.25 -17.86
C THR B 117 -12.81 -7.73 -17.73
N VAL B 118 -13.31 -7.08 -18.77
CA VAL B 118 -13.17 -5.60 -18.93
C VAL B 118 -14.55 -4.96 -18.89
N LEU B 119 -14.67 -3.90 -18.12
CA LEU B 119 -15.91 -3.15 -17.94
C LEU B 119 -15.55 -1.67 -18.09
N ILE B 120 -16.46 -0.91 -18.67
CA ILE B 120 -16.33 0.56 -18.79
C ILE B 120 -17.55 1.21 -18.14
N PHE B 121 -17.30 2.32 -17.46
CA PHE B 121 -18.34 3.07 -16.71
C PHE B 121 -18.36 4.52 -17.19
N PRO B 122 -19.44 4.94 -17.86
CA PRO B 122 -19.51 6.32 -18.28
C PRO B 122 -19.70 7.23 -17.06
N PRO B 123 -19.40 8.52 -17.19
CA PRO B 123 -19.60 9.42 -16.07
C PRO B 123 -21.08 9.64 -15.80
N SER B 124 -21.38 9.71 -14.52
CA SER B 124 -22.68 10.09 -13.97
C SER B 124 -22.99 11.51 -14.43
N ALA B 125 -24.26 11.86 -14.55
CA ALA B 125 -24.67 13.22 -14.94
C ALA B 125 -24.06 14.24 -13.96
N ASP B 126 -24.03 13.94 -12.66
CA ASP B 126 -23.57 14.92 -11.65
C ASP B 126 -22.04 15.02 -11.82
N LEU B 127 -21.35 13.98 -12.27
CA LEU B 127 -19.90 14.08 -12.50
C LEU B 127 -19.66 15.00 -13.70
N VAL B 128 -20.44 14.86 -14.76
CA VAL B 128 -20.30 15.76 -15.96
C VAL B 128 -20.53 17.21 -15.51
N ALA B 129 -21.45 17.41 -14.58
CA ALA B 129 -21.85 18.75 -14.10
C ALA B 129 -20.73 19.42 -13.32
N THR B 130 -19.75 18.69 -12.80
CA THR B 130 -18.57 19.25 -12.09
C THR B 130 -17.63 20.01 -13.08
N GLY B 131 -17.75 19.77 -14.37
CA GLY B 131 -16.89 20.37 -15.41
C GLY B 131 -15.66 19.53 -15.71
N THR B 132 -15.41 18.44 -14.97
CA THR B 132 -14.35 17.47 -15.27
C THR B 132 -14.99 16.06 -15.27
N VAL B 133 -14.77 15.32 -16.33
CA VAL B 133 -15.31 13.97 -16.49
C VAL B 133 -14.17 12.99 -16.20
N THR B 134 -14.50 11.95 -15.46
CA THR B 134 -13.62 10.79 -15.29
C THR B 134 -14.34 9.55 -15.83
N ILE B 135 -13.71 8.88 -16.78
CA ILE B 135 -14.23 7.61 -17.31
C ILE B 135 -13.38 6.50 -16.68
N VAL B 136 -14.05 5.51 -16.12
CA VAL B 136 -13.40 4.41 -15.39
C VAL B 136 -13.50 3.10 -16.21
N CYS B 137 -12.37 2.48 -16.42
CA CYS B 137 -12.30 1.16 -17.05
C CYS B 137 -11.70 0.19 -16.03
N VAL B 138 -12.24 -1.01 -15.90
CA VAL B 138 -11.58 -2.01 -15.03
C VAL B 138 -11.27 -3.26 -15.84
N ALA B 139 -10.15 -3.87 -15.51
CA ALA B 139 -9.72 -5.18 -16.00
C ALA B 139 -9.65 -6.06 -14.75
N ASN B 140 -10.59 -6.99 -14.62
CA ASN B 140 -10.75 -7.81 -13.37
C ASN B 140 -10.10 -9.18 -13.57
N LYS B 141 -9.31 -9.58 -12.57
CA LYS B 141 -8.73 -10.91 -12.39
C LYS B 141 -7.93 -11.42 -13.61
N TYR B 142 -6.66 -11.05 -13.73
CA TYR B 142 -5.89 -11.42 -14.92
C TYR B 142 -4.44 -11.65 -14.54
N PHE B 143 -3.77 -12.42 -15.39
CA PHE B 143 -2.31 -12.69 -15.33
C PHE B 143 -1.92 -13.29 -16.67
N PRO B 144 -0.83 -12.85 -17.34
CA PRO B 144 0.06 -11.81 -16.86
C PRO B 144 -0.36 -10.35 -17.17
N ASP B 145 0.56 -9.39 -17.01
CA ASP B 145 0.27 -7.93 -17.09
C ASP B 145 -0.38 -7.60 -18.45
N VAL B 146 -1.24 -6.59 -18.41
CA VAL B 146 -1.94 -6.03 -19.59
C VAL B 146 -1.37 -4.67 -19.89
N THR B 147 -1.70 -4.16 -21.06
CA THR B 147 -1.49 -2.72 -21.42
C THR B 147 -2.86 -2.13 -21.72
N VAL B 148 -3.09 -0.87 -21.34
CA VAL B 148 -4.40 -0.21 -21.62
C VAL B 148 -4.19 0.95 -22.57
N THR B 149 -5.05 1.07 -23.56
CA THR B 149 -5.11 2.27 -24.41
C THR B 149 -6.53 2.80 -24.35
N TRP B 150 -6.63 4.11 -24.46
CA TRP B 150 -7.92 4.83 -24.55
C TRP B 150 -8.02 5.43 -25.93
N GLU B 151 -9.18 5.29 -26.56
CA GLU B 151 -9.51 6.00 -27.82
C GLU B 151 -10.77 6.84 -27.65
N VAL B 152 -10.75 8.02 -28.24
CA VAL B 152 -11.92 8.92 -28.29
C VAL B 152 -12.19 9.16 -29.77
N ASP B 153 -13.36 8.77 -30.23
CA ASP B 153 -13.72 8.77 -31.67
C ASP B 153 -12.55 8.15 -32.47
N GLY B 154 -11.98 7.03 -32.02
CA GLY B 154 -10.92 6.29 -32.74
C GLY B 154 -9.52 6.85 -32.56
N THR B 155 -9.36 8.01 -31.91
CA THR B 155 -8.03 8.64 -31.65
C THR B 155 -7.44 8.20 -30.31
N THR B 156 -6.24 7.63 -30.35
CA THR B 156 -5.49 7.19 -29.14
C THR B 156 -5.21 8.41 -28.27
N GLN B 157 -5.54 8.36 -26.99
CA GLN B 157 -5.25 9.44 -26.03
C GLN B 157 -3.82 9.24 -25.52
N THR B 158 -3.13 10.34 -25.28
CA THR B 158 -1.72 10.33 -24.83
C THR B 158 -1.59 10.99 -23.47
N THR B 159 -2.64 11.64 -22.97
CA THR B 159 -2.66 12.27 -21.64
C THR B 159 -4.01 12.05 -20.94
N GLY B 160 -4.06 12.41 -19.66
CA GLY B 160 -5.26 12.29 -18.81
C GLY B 160 -5.51 10.85 -18.38
N ILE B 161 -4.54 9.95 -18.49
CA ILE B 161 -4.78 8.51 -18.16
C ILE B 161 -4.09 8.18 -16.85
N GLU B 162 -4.79 7.55 -15.93
CA GLU B 162 -4.19 7.05 -14.68
C GLU B 162 -4.52 5.58 -14.46
N ASN B 163 -3.52 4.76 -14.17
CA ASN B 163 -3.73 3.30 -13.95
C ASN B 163 -3.45 2.98 -12.48
N SER B 164 -4.20 2.05 -11.90
CA SER B 164 -3.96 1.54 -10.56
C SER B 164 -4.16 0.04 -10.53
N LYS B 165 -3.09 -0.69 -10.23
CA LYS B 165 -3.08 -2.15 -10.24
C LYS B 165 -3.07 -2.62 -8.78
N THR B 166 -3.89 -3.58 -8.46
CA THR B 166 -3.94 -4.18 -7.13
C THR B 166 -2.67 -5.01 -6.94
N PRO B 167 -2.31 -5.25 -5.67
CA PRO B 167 -1.31 -6.27 -5.34
C PRO B 167 -1.73 -7.59 -6.01
N GLN B 168 -0.78 -8.51 -6.17
CA GLN B 168 -1.11 -9.88 -6.64
C GLN B 168 -2.02 -10.58 -5.63
N ASN B 169 -3.03 -11.28 -6.13
CA ASN B 169 -3.94 -12.06 -5.26
C ASN B 169 -3.11 -13.13 -4.54
N SER B 170 -3.34 -13.33 -3.23
CA SER B 170 -2.43 -14.22 -2.46
C SER B 170 -2.72 -15.71 -2.76
N ALA B 171 -3.83 -16.06 -3.43
CA ALA B 171 -4.18 -17.45 -3.76
C ALA B 171 -3.74 -17.78 -5.17
N ASP B 172 -3.96 -16.87 -6.14
CA ASP B 172 -3.86 -17.24 -7.58
C ASP B 172 -2.99 -16.24 -8.37
N CYS B 173 -2.38 -15.22 -7.74
CA CYS B 173 -1.30 -14.36 -8.33
C CYS B 173 -1.92 -13.32 -9.28
N THR B 174 -3.22 -13.36 -9.46
CA THR B 174 -3.89 -12.44 -10.39
C THR B 174 -3.95 -11.00 -9.88
N TYR B 175 -3.99 -10.11 -10.84
CA TYR B 175 -4.21 -8.66 -10.68
C TYR B 175 -5.64 -8.25 -10.99
N ASN B 176 -6.04 -7.09 -10.47
CA ASN B 176 -7.15 -6.26 -11.00
C ASN B 176 -6.50 -4.94 -11.40
N LEU B 177 -7.10 -4.23 -12.35
CA LEU B 177 -6.58 -2.92 -12.78
C LEU B 177 -7.72 -1.93 -12.98
N SER B 178 -7.56 -0.72 -12.45
CA SER B 178 -8.41 0.42 -12.85
C SER B 178 -7.60 1.32 -13.77
N SER B 179 -8.20 1.80 -14.85
CA SER B 179 -7.62 2.84 -15.74
C SER B 179 -8.69 3.92 -15.85
N THR B 180 -8.31 5.17 -15.68
CA THR B 180 -9.25 6.30 -15.78
C THR B 180 -8.77 7.19 -16.92
N LEU B 181 -9.71 7.73 -17.67
CA LEU B 181 -9.43 8.88 -18.57
C LEU B 181 -10.15 10.11 -17.99
N THR B 182 -9.42 11.22 -17.89
CA THR B 182 -9.94 12.50 -17.35
C THR B 182 -9.88 13.55 -18.44
N LEU B 183 -11.02 14.21 -18.65
CA LEU B 183 -11.24 15.20 -19.72
C LEU B 183 -12.09 16.32 -19.13
N THR B 184 -12.04 17.49 -19.72
CA THR B 184 -13.03 18.53 -19.34
C THR B 184 -14.39 18.08 -19.83
N SER B 185 -15.46 18.60 -19.21
CA SER B 185 -16.82 18.32 -19.70
C SER B 185 -17.01 18.85 -21.12
N THR B 186 -16.39 19.96 -21.44
CA THR B 186 -16.46 20.55 -22.80
C THR B 186 -15.87 19.54 -23.79
N GLN B 187 -14.70 18.96 -23.48
CA GLN B 187 -14.05 17.91 -24.33
C GLN B 187 -14.96 16.67 -24.43
N TYR B 188 -15.49 16.20 -23.29
CA TYR B 188 -16.38 15.01 -23.24
C TYR B 188 -17.58 15.22 -24.18
N ASN B 189 -18.21 16.39 -24.11
CA ASN B 189 -19.49 16.68 -24.80
C ASN B 189 -19.23 16.88 -26.31
N SER B 190 -17.99 17.00 -26.74
CA SER B 190 -17.70 17.30 -28.17
C SER B 190 -17.23 16.02 -28.90
N HIS B 191 -17.23 14.87 -28.22
CA HIS B 191 -16.93 13.53 -28.81
C HIS B 191 -18.04 12.55 -28.47
N LYS B 192 -18.07 11.47 -29.23
CA LYS B 192 -19.14 10.47 -29.14
C LYS B 192 -18.62 9.16 -28.53
N GLU B 193 -17.60 8.55 -29.11
CA GLU B 193 -17.25 7.15 -28.77
C GLU B 193 -16.03 7.16 -27.85
N TYR B 194 -16.19 6.49 -26.72
CA TYR B 194 -15.15 6.30 -25.69
C TYR B 194 -14.84 4.82 -25.57
N THR B 195 -13.56 4.52 -25.70
CA THR B 195 -13.05 3.14 -25.80
C THR B 195 -11.87 2.93 -24.85
N CYS B 196 -11.97 1.90 -24.03
CA CYS B 196 -10.95 1.32 -23.18
C CYS B 196 -10.49 0.03 -23.88
N LYS B 197 -9.24 -0.07 -24.28
CA LYS B 197 -8.73 -1.31 -24.94
C LYS B 197 -7.68 -1.95 -24.03
N VAL B 198 -7.91 -3.19 -23.66
CA VAL B 198 -7.04 -3.90 -22.73
C VAL B 198 -6.38 -5.02 -23.50
N THR B 199 -5.07 -5.01 -23.55
CA THR B 199 -4.35 -5.99 -24.38
C THR B 199 -3.52 -6.88 -23.47
N GLN B 200 -3.59 -8.17 -23.72
CA GLN B 200 -2.84 -9.18 -22.96
C GLN B 200 -2.18 -10.07 -24.01
N GLY B 201 -0.87 -9.89 -24.22
CA GLY B 201 -0.15 -10.59 -25.30
C GLY B 201 -0.83 -10.32 -26.64
N THR B 202 -1.31 -11.33 -27.36
CA THR B 202 -1.88 -11.11 -28.72
C THR B 202 -3.40 -10.97 -28.71
N THR B 203 -4.04 -10.83 -27.56
CA THR B 203 -5.51 -10.73 -27.46
C THR B 203 -5.85 -9.36 -26.91
N SER B 204 -6.81 -8.69 -27.52
CA SER B 204 -7.34 -7.42 -26.96
CA SER B 204 -7.35 -7.40 -27.01
C SER B 204 -8.84 -7.51 -26.71
N VAL B 205 -9.27 -6.81 -25.69
CA VAL B 205 -10.70 -6.71 -25.34
C VAL B 205 -10.99 -5.22 -25.22
N VAL B 206 -12.01 -4.83 -25.92
CA VAL B 206 -12.47 -3.42 -25.89
C VAL B 206 -13.78 -3.35 -25.13
N GLN B 207 -13.95 -2.26 -24.43
CA GLN B 207 -15.30 -1.86 -23.99
C GLN B 207 -15.42 -0.42 -24.44
N SER B 208 -16.56 -0.10 -24.98
CA SER B 208 -16.86 1.19 -25.62
C SER B 208 -18.23 1.61 -25.16
N PHE B 209 -18.49 2.90 -25.19
CA PHE B 209 -19.87 3.42 -25.16
C PHE B 209 -19.90 4.69 -26.02
N ASN B 210 -21.12 5.06 -26.38
CA ASN B 210 -21.44 6.31 -27.11
C ASN B 210 -22.03 7.24 -26.07
N ARG B 211 -21.45 8.40 -25.87
CA ARG B 211 -21.90 9.35 -24.81
C ARG B 211 -23.42 9.56 -24.84
N GLY B 212 -24.00 9.74 -26.02
CA GLY B 212 -25.46 10.00 -26.20
C GLY B 212 -26.37 8.87 -25.73
N ASP B 213 -25.92 7.61 -25.77
CA ASP B 213 -26.69 6.43 -25.29
C ASP B 213 -26.85 6.44 -23.78
N CYS B 214 -25.84 6.88 -23.03
CA CYS B 214 -25.87 6.94 -21.55
C CYS B 214 -26.30 8.33 -21.07
N GLY C 8 20.61 -1.44 27.42
CA GLY C 8 19.10 -1.22 27.49
C GLY C 8 18.35 -1.47 26.17
N M3L C 9 19.02 -2.15 25.22
CA M3L C 9 18.44 -2.38 23.92
CB M3L C 9 19.48 -2.07 22.83
CG M3L C 9 20.72 -2.94 22.77
CD M3L C 9 21.77 -2.50 21.77
CE M3L C 9 22.75 -3.61 21.54
NZ M3L C 9 23.59 -3.51 20.29
C M3L C 9 17.89 -3.81 23.96
O M3L C 9 18.03 -4.54 24.95
CM1 M3L C 9 24.09 -2.12 20.10
CM2 M3L C 9 22.78 -3.90 19.08
CM3 M3L C 9 24.73 -4.46 20.41
N GLY C 10 17.21 -4.21 22.93
CA GLY C 10 16.66 -5.55 22.96
C GLY C 10 15.38 -5.63 23.72
N GLY C 11 15.01 -6.83 24.16
CA GLY C 11 13.68 -7.02 24.74
C GLY C 11 13.42 -8.41 25.24
N THR C 12 12.19 -8.66 25.67
CA THR C 12 11.91 -9.90 26.42
CA THR C 12 11.79 -9.88 26.40
C THR C 12 11.78 -11.07 25.42
N TYR C 13 11.49 -10.76 24.14
CA TYR C 13 11.29 -11.76 23.04
C TYR C 13 12.38 -11.63 21.97
N PRO C 14 12.62 -12.72 21.22
CA PRO C 14 13.69 -12.73 20.22
C PRO C 14 13.52 -11.57 19.21
CL CL D . 7.70 -7.39 29.12
#